data_1SE7
#
_entry.id   1SE7
#
_entity_poly.entity_id   1
_entity_poly.type   'polypeptide(L)'
_entity_poly.pdbx_seq_one_letter_code
;MYDWNIAAKSQEERDKVNVDLAASGVAYKERLNIPVIAEQVAREQPENLRTYFMERLRHYRQLSLQLPKGSDPAYQKDDA
VKK
;
_entity_poly.pdbx_strand_id   A
#
# COMPACT_ATOMS: atom_id res chain seq x y z
N MET A 1 9.82 10.14 3.17
CA MET A 1 9.24 11.11 2.20
C MET A 1 8.04 11.83 2.82
N TYR A 2 7.69 11.44 4.04
CA TYR A 2 6.56 12.05 4.74
C TYR A 2 5.28 11.93 3.93
N ASP A 3 4.27 12.71 4.29
CA ASP A 3 2.99 12.68 3.59
C ASP A 3 3.16 13.11 2.14
N TRP A 4 2.13 12.83 1.33
CA TRP A 4 2.15 13.18 -0.08
C TRP A 4 0.73 13.47 -0.57
N ASN A 5 -0.24 12.95 0.18
CA ASN A 5 -1.65 13.13 -0.14
C ASN A 5 -2.21 14.39 0.49
N ILE A 6 -1.39 15.44 0.50
CA ILE A 6 -1.79 16.72 1.08
C ILE A 6 -2.88 17.38 0.25
N ALA A 7 -3.06 16.88 -0.97
CA ALA A 7 -4.07 17.43 -1.87
C ALA A 7 -5.47 17.24 -1.31
N ALA A 8 -5.60 16.40 -0.29
CA ALA A 8 -6.87 16.14 0.35
C ALA A 8 -7.25 17.26 1.30
N LYS A 9 -8.24 18.06 0.91
CA LYS A 9 -8.72 19.17 1.72
C LYS A 9 -9.81 18.72 2.68
N SER A 10 -10.86 18.10 2.13
CA SER A 10 -11.97 17.61 2.94
C SER A 10 -11.50 16.59 3.97
N GLN A 11 -12.30 16.36 4.99
CA GLN A 11 -11.96 15.42 6.05
C GLN A 11 -12.18 13.98 5.58
N GLU A 12 -13.37 13.71 5.04
CA GLU A 12 -13.70 12.36 4.56
C GLU A 12 -12.75 11.90 3.47
N GLU A 13 -12.25 12.84 2.68
CA GLU A 13 -11.34 12.51 1.58
C GLU A 13 -9.95 12.15 2.09
N ARG A 14 -9.39 12.99 2.96
CA ARG A 14 -8.05 12.76 3.49
C ARG A 14 -7.97 11.51 4.36
N ASP A 15 -9.00 11.26 5.16
CA ASP A 15 -9.01 10.10 6.05
C ASP A 15 -8.97 8.79 5.28
N LYS A 16 -9.85 8.62 4.29
CA LYS A 16 -9.90 7.38 3.52
C LYS A 16 -8.60 7.13 2.76
N VAL A 17 -7.99 8.19 2.24
CA VAL A 17 -6.77 8.04 1.49
C VAL A 17 -5.57 7.84 2.41
N ASN A 18 -5.59 8.51 3.56
CA ASN A 18 -4.51 8.38 4.54
C ASN A 18 -4.38 6.94 4.98
N VAL A 19 -5.53 6.27 5.08
CA VAL A 19 -5.56 4.87 5.49
C VAL A 19 -5.32 3.99 4.26
N ASP A 20 -5.62 4.56 3.09
CA ASP A 20 -5.42 3.86 1.83
C ASP A 20 -3.94 3.71 1.52
N LEU A 21 -3.21 4.81 1.70
CA LEU A 21 -1.79 4.82 1.47
C LEU A 21 -1.10 4.00 2.55
N ALA A 22 -1.75 3.95 3.71
CA ALA A 22 -1.24 3.19 4.84
C ALA A 22 -1.19 1.72 4.48
N ALA A 23 -2.28 1.22 3.95
CA ALA A 23 -2.38 -0.18 3.55
C ALA A 23 -1.32 -0.49 2.51
N SER A 24 -0.95 0.52 1.74
CA SER A 24 0.06 0.37 0.70
C SER A 24 1.45 0.19 1.29
N GLY A 25 1.85 1.14 2.12
CA GLY A 25 3.18 1.07 2.71
C GLY A 25 3.41 -0.21 3.48
N VAL A 26 2.42 -0.59 4.27
CA VAL A 26 2.53 -1.80 5.09
C VAL A 26 2.87 -3.04 4.26
N ALA A 27 2.00 -3.41 3.32
CA ALA A 27 2.22 -4.60 2.51
C ALA A 27 3.02 -4.33 1.23
N TYR A 28 2.52 -3.41 0.40
CA TYR A 28 3.16 -3.09 -0.88
C TYR A 28 4.68 -2.90 -0.75
N LYS A 29 5.13 -2.29 0.33
CA LYS A 29 6.56 -2.06 0.53
C LYS A 29 7.32 -3.32 0.89
N GLU A 30 6.76 -4.14 1.78
CA GLU A 30 7.43 -5.35 2.22
C GLU A 30 7.40 -6.45 1.16
N ARG A 31 6.38 -6.42 0.30
CA ARG A 31 6.24 -7.43 -0.74
C ARG A 31 7.18 -7.15 -1.91
N LEU A 32 6.92 -6.10 -2.67
CA LEU A 32 7.75 -5.75 -3.81
C LEU A 32 9.04 -5.05 -3.39
N ASN A 33 8.99 -3.73 -3.23
CA ASN A 33 10.16 -2.95 -2.84
C ASN A 33 9.82 -1.47 -2.77
N ILE A 34 8.53 -1.16 -2.66
CA ILE A 34 8.08 0.23 -2.59
C ILE A 34 8.80 0.97 -1.47
N PRO A 35 9.44 2.11 -1.79
CA PRO A 35 10.22 2.88 -0.82
C PRO A 35 9.37 3.75 0.10
N VAL A 36 8.91 3.17 1.20
CA VAL A 36 8.09 3.88 2.18
C VAL A 36 8.24 3.22 3.55
N ILE A 37 7.87 3.93 4.60
CA ILE A 37 7.99 3.38 5.95
C ILE A 37 6.63 2.88 6.45
N ALA A 38 6.61 1.63 6.91
CA ALA A 38 5.38 1.02 7.41
C ALA A 38 4.85 1.68 8.68
N GLU A 39 5.74 2.01 9.61
CA GLU A 39 5.32 2.65 10.86
C GLU A 39 4.94 4.11 10.64
N GLN A 40 5.39 4.67 9.53
CA GLN A 40 5.08 6.05 9.20
C GLN A 40 3.58 6.21 9.01
N VAL A 41 2.97 5.20 8.40
CA VAL A 41 1.54 5.20 8.15
C VAL A 41 0.77 4.65 9.34
N ALA A 42 1.48 3.89 10.18
CA ALA A 42 0.87 3.28 11.35
C ALA A 42 0.42 4.31 12.38
N ARG A 43 1.11 5.45 12.41
CA ARG A 43 0.78 6.51 13.37
C ARG A 43 -0.26 7.47 12.82
N GLU A 44 -0.59 7.33 11.54
CA GLU A 44 -1.57 8.21 10.90
C GLU A 44 -2.73 7.42 10.33
N GLN A 45 -2.89 6.19 10.78
CA GLN A 45 -3.95 5.32 10.31
C GLN A 45 -5.26 5.57 11.09
N PRO A 46 -6.26 6.19 10.45
CA PRO A 46 -7.55 6.47 11.10
C PRO A 46 -8.38 5.21 11.28
N GLU A 47 -8.63 4.86 12.53
CA GLU A 47 -9.42 3.68 12.87
C GLU A 47 -10.83 3.78 12.30
N ASN A 48 -11.21 4.98 11.90
CA ASN A 48 -12.54 5.22 11.35
C ASN A 48 -12.65 4.65 9.94
N LEU A 49 -11.50 4.43 9.31
CA LEU A 49 -11.46 3.88 7.95
C LEU A 49 -10.69 2.57 7.94
N ARG A 50 -10.57 1.98 9.12
CA ARG A 50 -9.86 0.71 9.28
C ARG A 50 -10.42 -0.33 8.32
N THR A 51 -11.67 -0.12 7.92
CA THR A 51 -12.34 -1.02 7.00
C THR A 51 -11.78 -0.87 5.59
N TYR A 52 -11.67 0.38 5.13
CA TYR A 52 -11.15 0.69 3.81
C TYR A 52 -9.71 0.18 3.67
N PHE A 53 -8.85 0.62 4.60
CA PHE A 53 -7.45 0.21 4.60
C PHE A 53 -7.30 -1.28 4.36
N MET A 54 -8.19 -2.07 4.97
CA MET A 54 -8.14 -3.52 4.83
C MET A 54 -8.56 -3.93 3.42
N GLU A 55 -9.53 -3.20 2.85
CA GLU A 55 -10.02 -3.49 1.51
C GLU A 55 -8.88 -3.33 0.51
N ARG A 56 -8.19 -2.20 0.57
CA ARG A 56 -7.06 -1.94 -0.32
C ARG A 56 -5.92 -2.88 0.03
N LEU A 57 -5.74 -3.12 1.33
CA LEU A 57 -4.69 -4.02 1.81
C LEU A 57 -4.82 -5.40 1.17
N ARG A 58 -5.95 -6.07 1.39
CA ARG A 58 -6.19 -7.38 0.83
C ARG A 58 -5.95 -7.37 -0.67
N HIS A 59 -6.35 -6.28 -1.30
CA HIS A 59 -6.18 -6.12 -2.73
C HIS A 59 -4.69 -6.07 -3.07
N TYR A 60 -3.96 -5.22 -2.33
CA TYR A 60 -2.53 -5.07 -2.51
C TYR A 60 -1.82 -6.42 -2.49
N ARG A 61 -2.35 -7.35 -1.70
CA ARG A 61 -1.76 -8.68 -1.59
C ARG A 61 -1.88 -9.41 -2.93
N GLN A 62 -3.06 -9.28 -3.56
CA GLN A 62 -3.30 -9.91 -4.84
C GLN A 62 -2.27 -9.43 -5.86
N LEU A 63 -1.94 -8.16 -5.79
CA LEU A 63 -0.96 -7.57 -6.69
C LEU A 63 0.43 -7.75 -6.13
N SER A 64 0.53 -8.07 -4.85
CA SER A 64 1.85 -8.29 -4.25
C SER A 64 2.56 -9.39 -5.00
N LEU A 65 1.81 -10.43 -5.37
CA LEU A 65 2.37 -11.55 -6.12
C LEU A 65 2.49 -11.22 -7.61
N GLN A 66 1.46 -10.59 -8.16
CA GLN A 66 1.47 -10.22 -9.58
C GLN A 66 2.55 -9.18 -9.86
N LEU A 67 2.66 -8.19 -8.96
CA LEU A 67 3.62 -7.10 -9.06
C LEU A 67 5.02 -7.59 -9.46
N PRO A 68 5.94 -6.66 -9.79
CA PRO A 68 7.32 -6.98 -10.19
C PRO A 68 8.10 -7.77 -9.14
N LYS A 69 9.43 -7.67 -9.22
CA LYS A 69 10.33 -8.36 -8.30
C LYS A 69 9.88 -8.21 -6.85
N GLY A 70 10.42 -9.07 -5.99
CA GLY A 70 10.07 -9.04 -4.58
C GLY A 70 9.32 -10.28 -4.17
N SER A 71 8.39 -10.72 -5.04
CA SER A 71 7.59 -11.91 -4.78
C SER A 71 6.65 -12.18 -5.94
N ASP A 72 7.18 -12.78 -7.01
CA ASP A 72 6.38 -13.09 -8.18
C ASP A 72 6.88 -14.35 -8.89
N PRO A 73 6.19 -15.47 -8.67
CA PRO A 73 6.51 -16.76 -9.28
C PRO A 73 5.95 -16.87 -10.69
N ALA A 74 4.77 -16.32 -10.89
CA ALA A 74 4.08 -16.38 -12.18
C ALA A 74 4.38 -15.17 -13.07
N TYR A 75 5.55 -14.55 -12.88
CA TYR A 75 5.94 -13.40 -13.68
C TYR A 75 6.90 -13.82 -14.78
N GLN A 76 6.84 -15.10 -15.13
CA GLN A 76 7.71 -15.64 -16.17
C GLN A 76 7.57 -14.88 -17.48
N LYS A 77 8.48 -15.15 -18.41
CA LYS A 77 8.47 -14.49 -19.71
C LYS A 77 8.49 -15.51 -20.84
N ASP A 78 7.73 -15.23 -21.90
CA ASP A 78 7.66 -16.13 -23.05
C ASP A 78 7.16 -17.51 -22.63
N ASP A 79 6.72 -17.61 -21.38
CA ASP A 79 6.22 -18.88 -20.85
C ASP A 79 7.27 -19.97 -20.91
N ALA A 80 8.53 -19.56 -21.07
CA ALA A 80 9.64 -20.50 -21.16
C ALA A 80 10.29 -20.71 -19.79
N VAL A 81 10.89 -19.64 -19.26
CA VAL A 81 11.55 -19.71 -17.96
C VAL A 81 10.89 -18.75 -16.97
N LYS A 82 10.90 -19.12 -15.69
CA LYS A 82 10.30 -18.30 -14.65
C LYS A 82 11.35 -17.44 -13.96
N LYS A 83 10.99 -16.18 -13.70
CA LYS A 83 11.89 -15.24 -13.05
C LYS A 83 11.14 -13.99 -12.60
N MET A 1 7.91 7.76 -1.15
CA MET A 1 8.96 8.60 -0.53
C MET A 1 8.33 9.70 0.33
N TYR A 2 8.44 9.55 1.65
CA TYR A 2 7.88 10.53 2.58
C TYR A 2 6.38 10.70 2.35
N ASP A 3 5.80 11.70 3.01
CA ASP A 3 4.37 11.96 2.87
C ASP A 3 4.07 12.65 1.54
N TRP A 4 2.79 12.78 1.21
CA TRP A 4 2.39 13.40 -0.04
C TRP A 4 0.94 13.87 0.00
N ASN A 5 0.22 13.43 1.03
CA ASN A 5 -1.19 13.80 1.18
C ASN A 5 -1.34 15.18 1.82
N ILE A 6 -0.45 16.10 1.45
CA ILE A 6 -0.49 17.46 1.98
C ILE A 6 -1.50 18.31 1.22
N ALA A 7 -1.84 17.86 0.01
CA ALA A 7 -2.79 18.58 -0.83
C ALA A 7 -4.23 18.26 -0.44
N ALA A 8 -4.39 17.43 0.59
CA ALA A 8 -5.70 17.05 1.06
C ALA A 8 -6.47 18.27 1.61
N LYS A 9 -7.74 18.36 1.26
CA LYS A 9 -8.57 19.47 1.70
C LYS A 9 -9.77 18.97 2.50
N SER A 10 -10.49 18.00 1.93
CA SER A 10 -11.66 17.43 2.59
C SER A 10 -11.25 16.38 3.61
N GLN A 11 -12.14 16.13 4.57
CA GLN A 11 -11.89 15.15 5.62
C GLN A 11 -11.90 13.74 5.05
N GLU A 12 -12.76 13.53 4.05
CA GLU A 12 -12.87 12.23 3.41
C GLU A 12 -11.62 11.90 2.61
N GLU A 13 -10.96 12.94 2.10
CA GLU A 13 -9.75 12.75 1.31
C GLU A 13 -8.59 12.31 2.20
N ARG A 14 -8.39 13.03 3.29
CA ARG A 14 -7.32 12.70 4.22
C ARG A 14 -7.54 11.37 4.93
N ASP A 15 -8.80 11.06 5.21
CA ASP A 15 -9.13 9.81 5.89
C ASP A 15 -9.11 8.59 4.96
N LYS A 16 -9.94 8.62 3.92
CA LYS A 16 -10.04 7.50 2.99
C LYS A 16 -8.71 7.18 2.30
N VAL A 17 -7.89 8.19 2.02
CA VAL A 17 -6.62 7.96 1.34
C VAL A 17 -5.50 7.55 2.29
N ASN A 18 -5.28 8.32 3.34
CA ASN A 18 -4.22 8.00 4.30
C ASN A 18 -4.39 6.60 4.88
N VAL A 19 -5.58 6.07 4.76
CA VAL A 19 -5.88 4.74 5.27
C VAL A 19 -5.62 3.69 4.18
N ASP A 20 -5.93 4.07 2.95
CA ASP A 20 -5.75 3.20 1.80
C ASP A 20 -4.27 3.04 1.50
N LEU A 21 -3.52 4.11 1.69
CA LEU A 21 -2.08 4.08 1.44
C LEU A 21 -1.36 3.48 2.64
N ALA A 22 -1.92 3.73 3.83
CA ALA A 22 -1.34 3.18 5.05
C ALA A 22 -1.02 1.70 4.85
N ALA A 23 -2.03 0.95 4.45
CA ALA A 23 -1.85 -0.48 4.21
C ALA A 23 -0.91 -0.69 3.04
N SER A 24 -1.14 0.07 1.97
CA SER A 24 -0.33 -0.03 0.77
C SER A 24 1.16 -0.09 1.09
N GLY A 25 1.68 0.98 1.67
CA GLY A 25 3.09 1.03 2.01
C GLY A 25 3.58 -0.20 2.76
N VAL A 26 2.80 -0.65 3.75
CA VAL A 26 3.17 -1.80 4.57
C VAL A 26 3.67 -3.00 3.75
N ALA A 27 2.82 -3.58 2.91
CA ALA A 27 3.19 -4.75 2.12
C ALA A 27 3.80 -4.40 0.75
N TYR A 28 3.15 -3.50 0.03
CA TYR A 28 3.60 -3.10 -1.31
C TYR A 28 5.10 -2.86 -1.37
N LYS A 29 5.71 -2.50 -0.24
CA LYS A 29 7.14 -2.24 -0.21
C LYS A 29 7.97 -3.50 0.00
N GLU A 30 7.64 -4.28 1.02
CA GLU A 30 8.37 -5.51 1.31
C GLU A 30 8.66 -6.26 0.02
N ARG A 31 7.74 -6.13 -0.92
CA ARG A 31 7.88 -6.71 -2.23
C ARG A 31 7.78 -5.56 -3.21
N LEU A 32 8.04 -5.81 -4.49
CA LEU A 32 7.94 -4.78 -5.51
C LEU A 32 9.11 -3.84 -5.37
N ASN A 33 8.85 -2.56 -5.56
CA ASN A 33 9.87 -1.54 -5.44
C ASN A 33 9.30 -0.29 -4.79
N ILE A 34 9.09 -0.33 -3.47
CA ILE A 34 8.56 0.82 -2.76
C ILE A 34 9.39 1.14 -1.53
N PRO A 35 10.01 2.33 -1.48
CA PRO A 35 10.83 2.75 -0.36
C PRO A 35 10.07 3.63 0.64
N VAL A 36 9.37 3.00 1.58
CA VAL A 36 8.60 3.75 2.57
C VAL A 36 8.64 3.09 3.94
N ILE A 37 8.29 3.87 4.97
CA ILE A 37 8.28 3.36 6.33
C ILE A 37 6.88 2.92 6.74
N ALA A 38 6.77 1.70 7.24
CA ALA A 38 5.49 1.15 7.65
C ALA A 38 4.92 1.87 8.87
N GLU A 39 5.72 1.97 9.92
CA GLU A 39 5.27 2.64 11.15
C GLU A 39 4.86 4.07 10.87
N GLN A 40 5.31 4.63 9.76
CA GLN A 40 4.97 5.99 9.37
C GLN A 40 3.47 6.15 9.25
N VAL A 41 2.80 5.10 8.76
CA VAL A 41 1.36 5.13 8.59
C VAL A 41 0.66 4.59 9.83
N ALA A 42 1.40 3.86 10.65
CA ALA A 42 0.84 3.28 11.88
C ALA A 42 0.57 4.33 12.95
N ARG A 43 1.21 5.50 12.83
CA ARG A 43 1.02 6.57 13.81
C ARG A 43 -0.38 7.19 13.70
N GLU A 44 -1.10 6.80 12.65
CA GLU A 44 -2.45 7.31 12.43
C GLU A 44 -3.48 6.18 12.39
N GLN A 45 -3.42 5.37 11.33
CA GLN A 45 -4.34 4.26 11.17
C GLN A 45 -5.79 4.69 11.50
N PRO A 46 -6.38 5.54 10.64
CA PRO A 46 -7.75 6.03 10.84
C PRO A 46 -8.74 4.91 11.15
N GLU A 47 -9.59 5.15 12.15
CA GLU A 47 -10.59 4.17 12.56
C GLU A 47 -11.85 4.31 11.71
N ASN A 48 -12.33 5.54 11.55
CA ASN A 48 -13.52 5.81 10.76
C ASN A 48 -13.36 5.32 9.31
N LEU A 49 -12.15 4.88 8.97
CA LEU A 49 -11.86 4.38 7.63
C LEU A 49 -11.02 3.12 7.69
N ARG A 50 -11.00 2.48 8.85
CA ARG A 50 -10.24 1.24 9.03
C ARG A 50 -10.80 0.15 8.15
N THR A 51 -12.07 0.29 7.78
CA THR A 51 -12.72 -0.68 6.92
C THR A 51 -12.13 -0.64 5.52
N TYR A 52 -11.92 0.58 5.02
CA TYR A 52 -11.35 0.78 3.70
C TYR A 52 -9.92 0.26 3.66
N PHE A 53 -9.15 0.59 4.69
CA PHE A 53 -7.75 0.18 4.79
C PHE A 53 -7.60 -1.34 4.67
N MET A 54 -8.46 -2.11 5.33
CA MET A 54 -8.36 -3.56 5.27
C MET A 54 -8.80 -4.07 3.90
N GLU A 55 -9.83 -3.45 3.34
CA GLU A 55 -10.34 -3.83 2.03
C GLU A 55 -9.21 -3.74 1.01
N ARG A 56 -8.62 -2.55 0.92
CA ARG A 56 -7.51 -2.33 0.02
C ARG A 56 -6.34 -3.19 0.46
N LEU A 57 -6.20 -3.35 1.77
CA LEU A 57 -5.11 -4.15 2.34
C LEU A 57 -5.08 -5.56 1.74
N ARG A 58 -6.21 -6.24 1.74
CA ARG A 58 -6.27 -7.60 1.23
C ARG A 58 -6.15 -7.64 -0.30
N HIS A 59 -6.80 -6.68 -0.97
CA HIS A 59 -6.77 -6.65 -2.44
C HIS A 59 -5.42 -6.17 -2.98
N TYR A 60 -4.98 -5.02 -2.53
CA TYR A 60 -3.70 -4.51 -2.96
C TYR A 60 -2.63 -5.55 -2.67
N ARG A 61 -2.78 -6.26 -1.55
CA ARG A 61 -1.85 -7.32 -1.19
C ARG A 61 -1.89 -8.42 -2.24
N GLN A 62 -3.05 -8.55 -2.89
CA GLN A 62 -3.20 -9.55 -3.95
C GLN A 62 -2.20 -9.25 -5.04
N LEU A 63 -1.87 -7.97 -5.16
CA LEU A 63 -0.89 -7.54 -6.15
C LEU A 63 0.50 -7.77 -5.59
N SER A 64 0.66 -7.60 -4.28
CA SER A 64 1.96 -7.82 -3.65
C SER A 64 2.51 -9.18 -4.05
N LEU A 65 1.60 -10.11 -4.33
CA LEU A 65 1.97 -11.45 -4.74
C LEU A 65 2.00 -11.58 -6.26
N GLN A 66 0.89 -11.22 -6.93
CA GLN A 66 0.80 -11.31 -8.39
C GLN A 66 1.87 -10.45 -9.09
N LEU A 67 2.04 -9.21 -8.63
CA LEU A 67 3.00 -8.27 -9.23
C LEU A 67 4.35 -8.92 -9.55
N PRO A 68 5.19 -8.23 -10.37
CA PRO A 68 6.50 -8.75 -10.80
C PRO A 68 7.56 -8.83 -9.69
N LYS A 69 8.46 -7.86 -9.65
CA LYS A 69 9.55 -7.83 -8.68
C LYS A 69 9.03 -8.03 -7.25
N GLY A 70 9.87 -8.62 -6.41
CA GLY A 70 9.49 -8.87 -5.04
C GLY A 70 8.58 -10.08 -4.93
N SER A 71 8.17 -10.58 -6.08
CA SER A 71 7.29 -11.74 -6.15
C SER A 71 7.86 -12.79 -7.10
N ASP A 72 6.98 -13.50 -7.80
CA ASP A 72 7.41 -14.53 -8.74
C ASP A 72 8.38 -13.97 -9.77
N PRO A 73 9.38 -14.76 -10.19
CA PRO A 73 10.38 -14.33 -11.17
C PRO A 73 9.85 -14.39 -12.60
N ALA A 74 9.09 -15.46 -12.88
CA ALA A 74 8.51 -15.65 -14.20
C ALA A 74 7.14 -15.01 -14.30
N TYR A 75 6.97 -13.87 -13.64
CA TYR A 75 5.71 -13.15 -13.64
C TYR A 75 5.16 -13.02 -15.05
N GLN A 76 3.85 -13.26 -15.19
CA GLN A 76 3.20 -13.18 -16.49
C GLN A 76 3.33 -11.80 -17.09
N LYS A 77 4.15 -11.68 -18.15
CA LYS A 77 4.37 -10.41 -18.82
C LYS A 77 3.09 -9.92 -19.50
N ASP A 78 2.94 -8.60 -19.61
CA ASP A 78 1.76 -8.01 -20.23
C ASP A 78 2.04 -7.61 -21.67
N ASP A 79 3.00 -6.72 -21.87
CA ASP A 79 3.34 -6.26 -23.20
C ASP A 79 4.85 -6.04 -23.34
N ALA A 80 5.51 -5.74 -22.23
CA ALA A 80 6.94 -5.51 -22.23
C ALA A 80 7.71 -6.80 -22.52
N VAL A 81 6.99 -7.93 -22.47
CA VAL A 81 7.57 -9.24 -22.71
C VAL A 81 8.87 -9.42 -21.93
N LYS A 82 8.74 -9.62 -20.61
CA LYS A 82 9.89 -9.81 -19.73
C LYS A 82 9.62 -10.91 -18.72
N LYS A 83 10.19 -12.09 -18.95
CA LYS A 83 10.01 -13.22 -18.05
C LYS A 83 11.33 -13.61 -17.39
N MET A 1 10.29 9.15 2.33
CA MET A 1 9.81 10.55 2.17
C MET A 1 8.76 10.88 3.23
N TYR A 2 8.56 12.18 3.47
CA TYR A 2 7.60 12.63 4.45
C TYR A 2 6.17 12.58 3.88
N ASP A 3 5.20 13.04 4.67
CA ASP A 3 3.81 13.04 4.23
C ASP A 3 3.62 13.88 2.98
N TRP A 4 2.45 13.78 2.37
CA TRP A 4 2.15 14.52 1.16
C TRP A 4 0.66 14.79 1.05
N ASN A 5 -0.12 14.20 1.94
CA ASN A 5 -1.57 14.39 1.96
C ASN A 5 -1.96 15.56 2.84
N ILE A 6 -1.10 16.57 2.87
CA ILE A 6 -1.33 17.76 3.67
C ILE A 6 -2.36 18.67 3.01
N ALA A 7 -2.69 18.36 1.76
CA ALA A 7 -3.65 19.15 1.01
C ALA A 7 -5.05 18.55 1.11
N ALA A 8 -5.33 17.90 2.25
CA ALA A 8 -6.63 17.28 2.48
C ALA A 8 -7.38 17.98 3.61
N LYS A 9 -8.27 18.89 3.26
CA LYS A 9 -9.06 19.62 4.24
C LYS A 9 -10.43 18.99 4.39
N SER A 10 -10.71 17.99 3.57
CA SER A 10 -11.98 17.28 3.59
C SER A 10 -12.14 16.46 4.86
N GLN A 11 -13.07 15.53 4.80
CA GLN A 11 -13.33 14.67 5.94
C GLN A 11 -12.65 13.34 5.69
N GLU A 12 -13.18 12.73 4.64
CA GLU A 12 -12.76 11.42 4.17
C GLU A 12 -11.49 11.47 3.31
N GLU A 13 -11.29 12.54 2.57
CA GLU A 13 -10.10 12.63 1.71
C GLU A 13 -8.83 12.35 2.50
N ARG A 14 -8.67 13.04 3.61
CA ARG A 14 -7.48 12.87 4.46
C ARG A 14 -7.38 11.45 5.05
N ASP A 15 -8.51 10.87 5.42
CA ASP A 15 -8.51 9.53 6.01
C ASP A 15 -8.41 8.41 4.98
N LYS A 16 -9.37 8.35 4.07
CA LYS A 16 -9.43 7.30 3.05
C LYS A 16 -8.09 7.06 2.32
N VAL A 17 -7.60 8.07 1.62
CA VAL A 17 -6.37 7.94 0.87
C VAL A 17 -5.17 7.60 1.75
N ASN A 18 -5.01 8.32 2.85
CA ASN A 18 -3.90 8.07 3.77
C ASN A 18 -3.99 6.68 4.35
N VAL A 19 -5.18 6.08 4.28
CA VAL A 19 -5.40 4.75 4.79
C VAL A 19 -5.13 3.74 3.67
N ASP A 20 -5.38 4.19 2.45
CA ASP A 20 -5.15 3.37 1.27
C ASP A 20 -3.65 3.15 1.10
N LEU A 21 -2.88 4.18 1.39
CA LEU A 21 -1.44 4.12 1.29
C LEU A 21 -0.87 3.53 2.57
N ALA A 22 -1.56 3.77 3.69
CA ALA A 22 -1.15 3.24 4.97
C ALA A 22 -0.87 1.75 4.85
N ALA A 23 -1.86 1.03 4.35
CA ALA A 23 -1.74 -0.40 4.16
C ALA A 23 -0.68 -0.70 3.11
N SER A 24 -0.81 0.00 1.98
CA SER A 24 0.11 -0.18 0.86
C SER A 24 1.56 -0.25 1.32
N GLY A 25 2.05 0.83 1.91
CA GLY A 25 3.44 0.87 2.36
C GLY A 25 3.81 -0.33 3.21
N VAL A 26 2.92 -0.70 4.12
CA VAL A 26 3.17 -1.82 5.02
C VAL A 26 3.48 -3.13 4.28
N ALA A 27 2.53 -3.61 3.47
CA ALA A 27 2.73 -4.87 2.73
C ALA A 27 3.40 -4.67 1.37
N TYR A 28 2.83 -3.80 0.54
CA TYR A 28 3.37 -3.54 -0.80
C TYR A 28 4.89 -3.35 -0.80
N LYS A 29 5.42 -2.76 0.28
CA LYS A 29 6.86 -2.52 0.36
C LYS A 29 7.65 -3.80 0.57
N GLU A 30 7.38 -4.48 1.68
CA GLU A 30 8.10 -5.71 2.02
C GLU A 30 7.84 -6.84 1.02
N ARG A 31 7.18 -6.51 -0.08
CA ARG A 31 6.89 -7.50 -1.11
C ARG A 31 7.46 -7.08 -2.46
N LEU A 32 6.99 -5.95 -2.98
CA LEU A 32 7.43 -5.43 -4.26
C LEU A 32 8.41 -4.28 -4.09
N ASN A 33 8.30 -3.27 -4.95
CA ASN A 33 9.16 -2.11 -4.89
C ASN A 33 8.37 -0.88 -4.47
N ILE A 34 8.04 -0.82 -3.19
CA ILE A 34 7.28 0.31 -2.65
C ILE A 34 8.07 0.98 -1.52
N PRO A 35 8.67 2.14 -1.80
CA PRO A 35 9.48 2.86 -0.81
C PRO A 35 8.66 3.75 0.11
N VAL A 36 8.00 3.15 1.10
CA VAL A 36 7.21 3.91 2.05
C VAL A 36 7.46 3.41 3.47
N ILE A 37 7.35 4.31 4.44
CA ILE A 37 7.59 3.94 5.84
C ILE A 37 6.28 3.64 6.55
N ALA A 38 6.25 2.49 7.24
CA ALA A 38 5.05 2.07 7.97
C ALA A 38 4.83 2.87 9.24
N GLU A 39 5.90 3.11 10.00
CA GLU A 39 5.83 3.87 11.25
C GLU A 39 5.06 5.18 11.06
N GLN A 40 5.05 5.67 9.81
CA GLN A 40 4.36 6.91 9.49
C GLN A 40 2.87 6.68 9.41
N VAL A 41 2.49 5.57 8.80
CA VAL A 41 1.11 5.22 8.64
C VAL A 41 0.56 4.63 9.93
N ALA A 42 1.46 4.19 10.79
CA ALA A 42 1.08 3.57 12.05
C ALA A 42 0.82 4.59 13.16
N ARG A 43 1.58 5.67 13.16
CA ARG A 43 1.42 6.71 14.18
C ARG A 43 0.03 7.35 14.09
N GLU A 44 -0.72 6.95 13.07
CA GLU A 44 -2.07 7.47 12.86
C GLU A 44 -3.11 6.33 12.91
N GLN A 45 -3.08 5.48 11.89
CA GLN A 45 -4.01 4.36 11.82
C GLN A 45 -5.45 4.84 11.96
N PRO A 46 -6.01 5.44 10.89
CA PRO A 46 -7.38 5.97 10.89
C PRO A 46 -8.44 4.91 11.15
N GLU A 47 -9.20 5.11 12.23
CA GLU A 47 -10.27 4.18 12.59
C GLU A 47 -11.50 4.37 11.70
N ASN A 48 -11.88 5.63 11.48
CA ASN A 48 -13.03 5.96 10.64
C ASN A 48 -12.91 5.35 9.26
N LEU A 49 -11.71 4.86 8.93
CA LEU A 49 -11.46 4.25 7.63
C LEU A 49 -10.66 2.96 7.77
N ARG A 50 -10.77 2.33 8.95
CA ARG A 50 -10.06 1.10 9.23
C ARG A 50 -10.52 0.01 8.26
N THR A 51 -11.74 0.14 7.79
CA THR A 51 -12.30 -0.82 6.85
C THR A 51 -11.66 -0.67 5.47
N TYR A 52 -11.53 0.58 5.02
CA TYR A 52 -10.93 0.87 3.72
C TYR A 52 -9.52 0.30 3.64
N PHE A 53 -8.70 0.64 4.63
CA PHE A 53 -7.32 0.16 4.70
C PHE A 53 -7.25 -1.34 4.47
N MET A 54 -8.30 -2.05 4.90
CA MET A 54 -8.36 -3.50 4.73
C MET A 54 -8.78 -3.86 3.31
N GLU A 55 -9.73 -3.10 2.78
CA GLU A 55 -10.21 -3.33 1.42
C GLU A 55 -9.05 -3.23 0.45
N ARG A 56 -8.28 -2.17 0.58
CA ARG A 56 -7.11 -1.97 -0.25
C ARG A 56 -6.04 -2.97 0.15
N LEU A 57 -5.93 -3.23 1.45
CA LEU A 57 -4.95 -4.18 1.98
C LEU A 57 -4.99 -5.50 1.21
N ARG A 58 -6.18 -6.10 1.16
CA ARG A 58 -6.37 -7.37 0.49
C ARG A 58 -6.22 -7.23 -1.02
N HIS A 59 -6.68 -6.10 -1.56
CA HIS A 59 -6.61 -5.86 -3.00
C HIS A 59 -5.18 -5.77 -3.52
N TYR A 60 -4.38 -4.86 -2.98
CA TYR A 60 -3.01 -4.72 -3.46
C TYR A 60 -2.20 -5.95 -3.08
N ARG A 61 -2.62 -6.65 -2.02
CA ARG A 61 -1.93 -7.87 -1.61
C ARG A 61 -2.02 -8.90 -2.74
N GLN A 62 -3.16 -8.90 -3.42
CA GLN A 62 -3.36 -9.79 -4.54
C GLN A 62 -2.33 -9.46 -5.61
N LEU A 63 -2.01 -8.17 -5.68
CA LEU A 63 -1.02 -7.69 -6.63
C LEU A 63 0.36 -7.86 -6.02
N SER A 64 0.41 -7.97 -4.69
CA SER A 64 1.68 -8.16 -4.01
C SER A 64 2.28 -9.48 -4.45
N LEU A 65 1.41 -10.35 -4.97
CA LEU A 65 1.82 -11.65 -5.47
C LEU A 65 2.21 -11.56 -6.94
N GLN A 66 1.35 -10.92 -7.75
CA GLN A 66 1.62 -10.78 -9.17
C GLN A 66 2.80 -9.82 -9.43
N LEU A 67 2.79 -8.67 -8.77
CA LEU A 67 3.86 -7.67 -8.92
C LEU A 67 5.25 -8.30 -8.79
N PRO A 68 6.32 -7.54 -9.07
CA PRO A 68 7.69 -8.03 -8.98
C PRO A 68 8.20 -8.12 -7.55
N LYS A 69 9.43 -8.57 -7.40
CA LYS A 69 10.05 -8.72 -6.08
C LYS A 69 9.24 -9.64 -5.17
N GLY A 70 9.92 -10.56 -4.53
CA GLY A 70 9.26 -11.50 -3.63
C GLY A 70 8.53 -12.61 -4.36
N SER A 71 7.95 -12.28 -5.51
CA SER A 71 7.21 -13.27 -6.29
C SER A 71 7.06 -12.84 -7.74
N ASP A 72 7.23 -13.78 -8.66
CA ASP A 72 7.10 -13.51 -10.09
C ASP A 72 6.52 -14.71 -10.82
N PRO A 73 5.22 -14.65 -11.17
CA PRO A 73 4.53 -15.73 -11.87
C PRO A 73 4.95 -15.83 -13.33
N ALA A 74 4.93 -14.70 -13.98
CA ALA A 74 5.31 -14.60 -15.38
C ALA A 74 6.12 -13.34 -15.57
N TYR A 75 6.50 -12.75 -14.44
CA TYR A 75 7.27 -11.51 -14.45
C TYR A 75 8.69 -11.78 -14.91
N GLN A 76 9.34 -10.75 -15.43
CA GLN A 76 10.71 -10.87 -15.90
C GLN A 76 11.71 -10.46 -14.84
N LYS A 77 12.77 -11.24 -14.72
CA LYS A 77 13.82 -10.97 -13.72
C LYS A 77 14.82 -9.94 -14.25
N ASP A 78 15.31 -9.09 -13.36
CA ASP A 78 16.27 -8.05 -13.72
C ASP A 78 17.68 -8.47 -13.32
N ASP A 79 17.78 -9.41 -12.39
CA ASP A 79 19.07 -9.89 -11.93
C ASP A 79 19.22 -11.40 -12.15
N ALA A 80 18.49 -12.18 -11.36
CA ALA A 80 18.53 -13.63 -11.49
C ALA A 80 17.50 -14.29 -10.59
N VAL A 81 16.23 -14.25 -11.03
CA VAL A 81 15.15 -14.86 -10.27
C VAL A 81 14.05 -15.36 -11.21
N LYS A 82 14.13 -16.64 -11.58
CA LYS A 82 13.16 -17.25 -12.47
C LYS A 82 12.32 -18.29 -11.75
N LYS A 83 11.03 -18.36 -12.09
CA LYS A 83 10.12 -19.31 -11.48
C LYS A 83 9.23 -19.96 -12.52
N MET A 1 10.43 16.94 10.83
CA MET A 1 9.31 15.98 10.65
C MET A 1 9.18 15.57 9.19
N TYR A 2 8.83 14.30 8.97
CA TYR A 2 8.67 13.79 7.61
C TYR A 2 7.28 14.10 7.06
N ASP A 3 7.16 14.16 5.74
CA ASP A 3 5.90 14.45 5.10
C ASP A 3 5.09 13.18 4.83
N TRP A 4 3.84 13.37 4.43
CA TRP A 4 2.94 12.27 4.14
C TRP A 4 1.53 12.79 3.84
N ASN A 5 0.79 12.04 3.03
CA ASN A 5 -0.58 12.41 2.66
C ASN A 5 -0.71 13.90 2.39
N ILE A 6 0.31 14.45 1.73
CA ILE A 6 0.32 15.88 1.40
C ILE A 6 -0.77 16.17 0.38
N ALA A 7 -1.19 15.15 -0.34
CA ALA A 7 -2.23 15.30 -1.34
C ALA A 7 -3.62 15.19 -0.74
N ALA A 8 -3.71 15.46 0.56
CA ALA A 8 -4.98 15.39 1.27
C ALA A 8 -5.39 16.75 1.80
N LYS A 9 -6.53 17.26 1.33
CA LYS A 9 -7.04 18.55 1.76
C LYS A 9 -8.31 18.40 2.58
N SER A 10 -9.40 17.99 1.92
CA SER A 10 -10.67 17.79 2.59
C SER A 10 -10.55 16.72 3.67
N GLN A 11 -11.55 16.66 4.55
CA GLN A 11 -11.56 15.69 5.63
C GLN A 11 -11.85 14.29 5.10
N GLU A 12 -12.90 14.17 4.28
CA GLU A 12 -13.29 12.89 3.71
C GLU A 12 -12.19 12.32 2.82
N GLU A 13 -11.35 13.20 2.29
CA GLU A 13 -10.27 12.78 1.40
C GLU A 13 -9.05 12.30 2.19
N ARG A 14 -8.70 13.04 3.24
CA ARG A 14 -7.54 12.70 4.05
C ARG A 14 -7.74 11.42 4.84
N ASP A 15 -8.93 11.23 5.39
CA ASP A 15 -9.21 10.06 6.20
C ASP A 15 -9.22 8.77 5.38
N LYS A 16 -9.85 8.82 4.20
CA LYS A 16 -9.95 7.63 3.36
C LYS A 16 -8.67 7.34 2.59
N VAL A 17 -7.97 8.38 2.16
CA VAL A 17 -6.74 8.19 1.38
C VAL A 17 -5.56 7.81 2.29
N ASN A 18 -5.42 8.49 3.43
CA ASN A 18 -4.33 8.21 4.35
C ASN A 18 -4.39 6.76 4.80
N VAL A 19 -5.56 6.15 4.63
CA VAL A 19 -5.77 4.76 5.03
C VAL A 19 -5.46 3.85 3.84
N ASP A 20 -5.67 4.40 2.64
CA ASP A 20 -5.40 3.67 1.41
C ASP A 20 -3.90 3.54 1.22
N LEU A 21 -3.18 4.62 1.54
CA LEU A 21 -1.73 4.63 1.43
C LEU A 21 -1.12 3.92 2.62
N ALA A 22 -1.80 4.02 3.77
CA ALA A 22 -1.34 3.36 4.98
C ALA A 22 -1.05 1.90 4.71
N ALA A 23 -2.01 1.22 4.09
CA ALA A 23 -1.85 -0.17 3.74
C ALA A 23 -0.79 -0.34 2.67
N SER A 24 -0.78 0.57 1.71
CA SER A 24 0.18 0.51 0.63
C SER A 24 1.62 0.38 1.14
N GLY A 25 1.99 1.19 2.11
CA GLY A 25 3.34 1.15 2.62
C GLY A 25 3.69 -0.13 3.36
N VAL A 26 2.80 -0.56 4.23
CA VAL A 26 3.05 -1.75 5.03
C VAL A 26 3.40 -3.01 4.22
N ALA A 27 2.50 -3.49 3.37
CA ALA A 27 2.77 -4.71 2.58
C ALA A 27 3.46 -4.44 1.25
N TYR A 28 2.88 -3.53 0.46
CA TYR A 28 3.42 -3.22 -0.86
C TYR A 28 4.93 -3.03 -0.83
N LYS A 29 5.43 -2.45 0.26
CA LYS A 29 6.85 -2.20 0.39
C LYS A 29 7.65 -3.46 0.68
N GLU A 30 7.33 -4.13 1.79
CA GLU A 30 8.04 -5.33 2.20
C GLU A 30 7.84 -6.50 1.23
N ARG A 31 7.18 -6.24 0.10
CA ARG A 31 6.94 -7.30 -0.87
C ARG A 31 7.51 -6.95 -2.23
N LEU A 32 7.00 -5.88 -2.84
CA LEU A 32 7.43 -5.45 -4.15
C LEU A 32 8.56 -4.43 -4.07
N ASN A 33 8.42 -3.34 -4.82
CA ASN A 33 9.42 -2.29 -4.85
C ASN A 33 8.78 -0.95 -4.54
N ILE A 34 8.57 -0.71 -3.25
CA ILE A 34 7.96 0.54 -2.80
C ILE A 34 8.76 1.16 -1.66
N PRO A 35 9.51 2.23 -1.95
CA PRO A 35 10.34 2.91 -0.96
C PRO A 35 9.54 3.87 -0.08
N VAL A 36 9.01 3.35 1.02
CA VAL A 36 8.23 4.17 1.94
C VAL A 36 8.37 3.67 3.38
N ILE A 37 8.00 4.52 4.34
CA ILE A 37 8.09 4.15 5.75
C ILE A 37 6.79 3.53 6.25
N ALA A 38 6.87 2.33 6.80
CA ALA A 38 5.68 1.63 7.31
C ALA A 38 5.24 2.20 8.65
N GLU A 39 6.17 2.24 9.60
CA GLU A 39 5.87 2.77 10.94
C GLU A 39 5.29 4.18 10.84
N GLN A 40 5.48 4.80 9.68
CA GLN A 40 4.98 6.15 9.45
C GLN A 40 3.46 6.13 9.41
N VAL A 41 2.91 5.35 8.49
CA VAL A 41 1.47 5.23 8.33
C VAL A 41 0.84 4.65 9.59
N ALA A 42 1.67 4.02 10.41
CA ALA A 42 1.23 3.40 11.64
C ALA A 42 0.92 4.44 12.71
N ARG A 43 1.37 5.66 12.52
CA ARG A 43 1.15 6.73 13.50
C ARG A 43 -0.31 7.19 13.47
N GLU A 44 -1.08 6.70 12.51
CA GLU A 44 -2.49 7.09 12.39
C GLU A 44 -3.41 5.88 12.49
N GLN A 45 -3.39 5.03 11.46
CA GLN A 45 -4.23 3.84 11.42
C GLN A 45 -5.68 4.22 11.72
N PRO A 46 -6.30 5.03 10.84
CA PRO A 46 -7.69 5.48 11.01
C PRO A 46 -8.65 4.36 11.38
N GLU A 47 -9.48 4.62 12.38
CA GLU A 47 -10.46 3.64 12.84
C GLU A 47 -11.71 3.67 11.97
N ASN A 48 -12.26 4.86 11.78
CA ASN A 48 -13.46 5.04 10.96
C ASN A 48 -13.22 4.62 9.52
N LEU A 49 -11.95 4.36 9.19
CA LEU A 49 -11.57 3.95 7.84
C LEU A 49 -10.74 2.67 7.89
N ARG A 50 -10.73 2.03 9.05
CA ARG A 50 -9.98 0.80 9.23
C ARG A 50 -10.47 -0.27 8.27
N THR A 51 -11.72 -0.12 7.85
CA THR A 51 -12.34 -1.05 6.92
C THR A 51 -11.75 -0.86 5.53
N TYR A 52 -11.66 0.40 5.10
CA TYR A 52 -11.12 0.74 3.80
C TYR A 52 -9.68 0.22 3.66
N PHE A 53 -8.85 0.54 4.65
CA PHE A 53 -7.46 0.10 4.65
C PHE A 53 -7.37 -1.42 4.47
N MET A 54 -8.40 -2.13 4.94
CA MET A 54 -8.43 -3.59 4.81
C MET A 54 -8.83 -3.97 3.39
N GLU A 55 -9.81 -3.24 2.85
CA GLU A 55 -10.28 -3.48 1.49
C GLU A 55 -9.10 -3.38 0.52
N ARG A 56 -8.31 -2.34 0.71
CA ARG A 56 -7.13 -2.14 -0.12
C ARG A 56 -6.05 -3.12 0.31
N LEU A 57 -6.01 -3.41 1.62
CA LEU A 57 -5.05 -4.35 2.18
C LEU A 57 -5.11 -5.70 1.47
N ARG A 58 -6.32 -6.18 1.22
CA ARG A 58 -6.51 -7.45 0.56
C ARG A 58 -6.30 -7.34 -0.94
N HIS A 59 -6.74 -6.22 -1.49
CA HIS A 59 -6.63 -5.96 -2.93
C HIS A 59 -5.18 -5.86 -3.39
N TYR A 60 -4.42 -4.96 -2.78
CA TYR A 60 -3.04 -4.78 -3.20
C TYR A 60 -2.21 -6.00 -2.77
N ARG A 61 -2.71 -6.74 -1.79
CA ARG A 61 -2.04 -7.97 -1.38
C ARG A 61 -2.11 -8.95 -2.54
N GLN A 62 -3.22 -8.87 -3.27
CA GLN A 62 -3.44 -9.75 -4.42
C GLN A 62 -2.32 -9.58 -5.44
N LEU A 63 -2.04 -8.34 -5.83
CA LEU A 63 -1.00 -8.11 -6.82
C LEU A 63 0.36 -7.99 -6.15
N SER A 64 0.34 -7.93 -4.83
CA SER A 64 1.58 -7.90 -4.06
C SER A 64 2.23 -9.27 -4.21
N LEU A 65 1.40 -10.22 -4.59
CA LEU A 65 1.83 -11.59 -4.83
C LEU A 65 2.32 -11.72 -6.27
N GLN A 66 1.52 -11.21 -7.21
CA GLN A 66 1.88 -11.26 -8.62
C GLN A 66 3.03 -10.31 -8.98
N LEU A 67 3.09 -9.15 -8.31
CA LEU A 67 4.14 -8.16 -8.60
C LEU A 67 5.53 -8.79 -8.43
N PRO A 68 6.60 -8.07 -8.87
CA PRO A 68 7.97 -8.57 -8.80
C PRO A 68 8.47 -8.78 -7.37
N LYS A 69 9.78 -8.94 -7.23
CA LYS A 69 10.42 -9.16 -5.93
C LYS A 69 9.81 -10.38 -5.23
N GLY A 70 9.12 -10.15 -4.12
CA GLY A 70 8.50 -11.24 -3.39
C GLY A 70 7.32 -11.82 -4.13
N SER A 71 7.58 -12.85 -4.95
CA SER A 71 6.52 -13.48 -5.73
C SER A 71 6.92 -14.89 -6.16
N ASP A 72 6.14 -15.45 -7.08
CA ASP A 72 6.41 -16.80 -7.59
C ASP A 72 7.75 -16.85 -8.32
N PRO A 73 8.53 -17.92 -8.13
CA PRO A 73 9.84 -18.08 -8.78
C PRO A 73 9.78 -17.97 -10.30
N ALA A 74 8.72 -18.52 -10.88
CA ALA A 74 8.55 -18.49 -12.34
C ALA A 74 7.96 -17.17 -12.83
N TYR A 75 7.85 -16.21 -11.93
CA TYR A 75 7.33 -14.90 -12.29
C TYR A 75 8.46 -13.91 -12.40
N GLN A 76 9.57 -14.40 -12.93
CA GLN A 76 10.78 -13.60 -13.11
C GLN A 76 10.50 -12.33 -13.91
N LYS A 77 11.49 -11.46 -13.96
CA LYS A 77 11.38 -10.20 -14.68
C LYS A 77 12.47 -10.08 -15.74
N ASP A 78 12.17 -9.36 -16.81
CA ASP A 78 13.13 -9.18 -17.90
C ASP A 78 14.15 -8.09 -17.55
N ASP A 79 14.11 -7.62 -16.31
CA ASP A 79 15.04 -6.59 -15.86
C ASP A 79 16.47 -7.10 -15.84
N ALA A 80 16.76 -8.02 -14.91
CA ALA A 80 18.10 -8.58 -14.78
C ALA A 80 18.12 -9.72 -13.76
N VAL A 81 17.12 -9.75 -12.88
CA VAL A 81 17.04 -10.77 -11.85
C VAL A 81 16.04 -11.86 -12.25
N LYS A 82 16.40 -13.10 -11.95
CA LYS A 82 15.54 -14.25 -12.26
C LYS A 82 14.83 -14.75 -11.00
N LYS A 83 13.56 -14.41 -10.86
CA LYS A 83 12.77 -14.81 -9.71
C LYS A 83 11.35 -14.22 -9.78
N MET A 1 10.27 10.16 1.41
CA MET A 1 10.41 10.33 2.87
C MET A 1 9.21 11.08 3.45
N TYR A 2 8.84 12.18 2.83
CA TYR A 2 7.71 12.98 3.27
C TYR A 2 6.40 12.42 2.71
N ASP A 3 5.32 13.17 2.86
CA ASP A 3 4.00 12.74 2.38
C ASP A 3 3.97 12.69 0.85
N TRP A 4 2.90 12.11 0.32
CA TRP A 4 2.74 12.00 -1.13
C TRP A 4 1.26 11.99 -1.50
N ASN A 5 0.41 11.67 -0.54
CA ASN A 5 -1.03 11.64 -0.76
C ASN A 5 -1.65 13.02 -0.52
N ILE A 6 -0.96 14.05 -0.99
CA ILE A 6 -1.43 15.42 -0.83
C ILE A 6 -2.51 15.76 -1.85
N ALA A 7 -2.71 14.86 -2.80
CA ALA A 7 -3.72 15.06 -3.85
C ALA A 7 -5.10 15.24 -3.24
N ALA A 8 -5.29 14.69 -2.05
CA ALA A 8 -6.56 14.78 -1.35
C ALA A 8 -6.95 16.23 -1.08
N LYS A 9 -8.21 16.56 -1.30
CA LYS A 9 -8.70 17.92 -1.07
C LYS A 9 -9.70 17.94 0.08
N SER A 10 -10.74 17.11 -0.02
CA SER A 10 -11.76 17.03 1.02
C SER A 10 -11.27 16.15 2.16
N GLN A 11 -11.34 16.68 3.39
CA GLN A 11 -10.92 15.95 4.58
C GLN A 11 -11.46 14.52 4.56
N GLU A 12 -12.68 14.35 4.07
CA GLU A 12 -13.28 13.02 4.01
C GLU A 12 -12.43 12.10 3.14
N GLU A 13 -11.97 12.63 2.02
CA GLU A 13 -11.13 11.88 1.11
C GLU A 13 -9.72 11.70 1.70
N ARG A 14 -9.35 12.60 2.60
CA ARG A 14 -8.04 12.55 3.22
C ARG A 14 -7.93 11.36 4.17
N ASP A 15 -8.92 11.19 5.03
CA ASP A 15 -8.91 10.10 5.99
C ASP A 15 -8.84 8.74 5.30
N LYS A 16 -9.72 8.53 4.32
CA LYS A 16 -9.75 7.27 3.59
C LYS A 16 -8.43 7.02 2.85
N VAL A 17 -8.04 7.97 2.02
CA VAL A 17 -6.82 7.84 1.25
C VAL A 17 -5.60 7.65 2.15
N ASN A 18 -5.61 8.34 3.29
CA ASN A 18 -4.52 8.23 4.26
C ASN A 18 -4.41 6.79 4.76
N VAL A 19 -5.55 6.14 4.87
CA VAL A 19 -5.60 4.76 5.33
C VAL A 19 -5.25 3.83 4.17
N ASP A 20 -5.39 4.35 2.95
CA ASP A 20 -5.11 3.59 1.75
C ASP A 20 -3.60 3.39 1.59
N LEU A 21 -2.85 4.45 1.88
CA LEU A 21 -1.40 4.40 1.78
C LEU A 21 -0.85 3.57 2.93
N ALA A 22 -1.59 3.56 4.04
CA ALA A 22 -1.21 2.81 5.21
C ALA A 22 -1.08 1.33 4.88
N ALA A 23 -2.05 0.82 4.13
CA ALA A 23 -2.04 -0.59 3.73
C ALA A 23 -0.99 -0.84 2.65
N SER A 24 -0.67 0.21 1.91
CA SER A 24 0.31 0.10 0.83
C SER A 24 1.73 -0.02 1.36
N GLY A 25 2.20 0.99 2.07
CA GLY A 25 3.55 0.96 2.59
C GLY A 25 3.81 -0.27 3.44
N VAL A 26 2.90 -0.57 4.34
CA VAL A 26 3.04 -1.71 5.23
C VAL A 26 3.24 -3.02 4.46
N ALA A 27 2.27 -3.37 3.61
CA ALA A 27 2.33 -4.62 2.85
C ALA A 27 3.07 -4.49 1.52
N TYR A 28 2.63 -3.57 0.66
CA TYR A 28 3.23 -3.38 -0.65
C TYR A 28 4.76 -3.28 -0.61
N LYS A 29 5.30 -2.46 0.30
CA LYS A 29 6.75 -2.30 0.39
C LYS A 29 7.42 -3.64 0.70
N GLU A 30 6.88 -4.35 1.69
CA GLU A 30 7.45 -5.64 2.09
C GLU A 30 7.23 -6.70 1.00
N ARG A 31 6.76 -6.27 -0.16
CA ARG A 31 6.52 -7.17 -1.28
C ARG A 31 7.33 -6.76 -2.50
N LEU A 32 7.00 -5.62 -3.09
CA LEU A 32 7.68 -5.11 -4.26
C LEU A 32 8.79 -4.15 -3.85
N ASN A 33 8.80 -2.95 -4.45
CA ASN A 33 9.78 -1.93 -4.13
C ASN A 33 9.07 -0.60 -3.89
N ILE A 34 8.48 -0.47 -2.70
CA ILE A 34 7.76 0.74 -2.33
C ILE A 34 8.51 1.48 -1.23
N PRO A 35 9.46 2.37 -1.61
CA PRO A 35 10.28 3.12 -0.65
C PRO A 35 9.50 4.14 0.15
N VAL A 36 8.84 3.68 1.21
CA VAL A 36 8.06 4.56 2.07
C VAL A 36 8.13 4.09 3.51
N ILE A 37 7.86 5.00 4.45
CA ILE A 37 7.89 4.68 5.86
C ILE A 37 6.57 4.08 6.32
N ALA A 38 6.63 2.87 6.89
CA ALA A 38 5.44 2.18 7.37
C ALA A 38 4.97 2.75 8.71
N GLU A 39 5.88 2.77 9.68
CA GLU A 39 5.57 3.33 10.99
C GLU A 39 5.00 4.73 10.88
N GLN A 40 5.20 5.37 9.73
CA GLN A 40 4.68 6.72 9.51
C GLN A 40 3.16 6.64 9.38
N VAL A 41 2.70 5.52 8.86
CA VAL A 41 1.28 5.28 8.67
C VAL A 41 0.70 4.57 9.90
N ALA A 42 1.60 3.97 10.68
CA ALA A 42 1.19 3.21 11.86
C ALA A 42 0.92 4.11 13.08
N ARG A 43 1.38 5.36 13.03
CA ARG A 43 1.16 6.27 14.14
C ARG A 43 -0.25 6.88 14.06
N GLU A 44 -0.95 6.58 12.97
CA GLU A 44 -2.29 7.09 12.76
C GLU A 44 -3.31 5.96 12.62
N GLN A 45 -3.22 5.23 11.50
CA GLN A 45 -4.13 4.13 11.22
C GLN A 45 -5.56 4.49 11.62
N PRO A 46 -6.21 5.40 10.88
CA PRO A 46 -7.58 5.84 11.16
C PRO A 46 -8.51 4.67 11.50
N GLU A 47 -9.35 4.86 12.52
CA GLU A 47 -10.28 3.84 12.95
C GLU A 47 -11.55 3.85 12.09
N ASN A 48 -12.15 5.04 11.96
CA ASN A 48 -13.36 5.21 11.15
C ASN A 48 -13.06 4.97 9.66
N LEU A 49 -11.88 4.45 9.37
CA LEU A 49 -11.47 4.17 8.00
C LEU A 49 -10.53 2.98 7.97
N ARG A 50 -10.37 2.32 9.12
CA ARG A 50 -9.49 1.17 9.22
C ARG A 50 -9.99 0.07 8.30
N THR A 51 -11.26 0.17 7.90
CA THR A 51 -11.86 -0.80 7.01
C THR A 51 -11.30 -0.64 5.60
N TYR A 52 -11.29 0.60 5.11
CA TYR A 52 -10.77 0.89 3.80
C TYR A 52 -9.35 0.35 3.66
N PHE A 53 -8.55 0.56 4.70
CA PHE A 53 -7.18 0.07 4.74
C PHE A 53 -7.13 -1.44 4.49
N MET A 54 -8.14 -2.16 4.96
CA MET A 54 -8.21 -3.61 4.77
C MET A 54 -8.59 -3.92 3.33
N GLU A 55 -9.54 -3.16 2.81
CA GLU A 55 -10.01 -3.33 1.44
C GLU A 55 -8.84 -3.24 0.48
N ARG A 56 -8.09 -2.16 0.62
CA ARG A 56 -6.91 -1.95 -0.21
C ARG A 56 -5.84 -2.97 0.14
N LEU A 57 -5.79 -3.35 1.43
CA LEU A 57 -4.83 -4.34 1.90
C LEU A 57 -4.97 -5.65 1.15
N ARG A 58 -6.16 -6.24 1.17
CA ARG A 58 -6.41 -7.49 0.48
C ARG A 58 -6.14 -7.31 -1.00
N HIS A 59 -6.48 -6.14 -1.52
CA HIS A 59 -6.25 -5.82 -2.93
C HIS A 59 -4.75 -5.85 -3.23
N TYR A 60 -3.96 -5.24 -2.35
CA TYR A 60 -2.52 -5.20 -2.50
C TYR A 60 -1.95 -6.61 -2.45
N ARG A 61 -2.60 -7.47 -1.67
CA ARG A 61 -2.17 -8.86 -1.54
C ARG A 61 -2.22 -9.55 -2.89
N GLN A 62 -3.25 -9.21 -3.68
CA GLN A 62 -3.42 -9.79 -5.00
C GLN A 62 -2.29 -9.35 -5.92
N LEU A 63 -2.04 -8.04 -5.95
CA LEU A 63 -1.00 -7.52 -6.79
C LEU A 63 0.33 -8.11 -6.34
N SER A 64 0.50 -8.24 -5.04
CA SER A 64 1.71 -8.80 -4.48
C SER A 64 2.02 -10.15 -5.11
N LEU A 65 0.98 -10.91 -5.44
CA LEU A 65 1.14 -12.23 -6.05
C LEU A 65 0.98 -12.19 -7.57
N GLN A 66 0.84 -11.00 -8.15
CA GLN A 66 0.69 -10.85 -9.59
C GLN A 66 1.85 -10.04 -10.17
N LEU A 67 2.10 -8.88 -9.57
CA LEU A 67 3.14 -7.95 -10.01
C LEU A 67 4.55 -8.57 -9.97
N PRO A 68 5.65 -7.79 -10.10
CA PRO A 68 7.01 -8.37 -10.14
C PRO A 68 7.49 -8.98 -8.82
N LYS A 69 8.36 -8.24 -8.11
CA LYS A 69 8.93 -8.72 -6.84
C LYS A 69 9.32 -10.19 -6.93
N GLY A 70 9.34 -10.87 -5.79
CA GLY A 70 9.68 -12.28 -5.75
C GLY A 70 8.48 -13.14 -6.10
N SER A 71 7.50 -12.55 -6.78
CA SER A 71 6.30 -13.25 -7.18
C SER A 71 6.55 -14.11 -8.42
N ASP A 72 5.48 -14.47 -9.12
CA ASP A 72 5.60 -15.30 -10.32
C ASP A 72 6.64 -14.73 -11.29
N PRO A 73 7.72 -15.49 -11.57
CA PRO A 73 8.79 -15.07 -12.47
C PRO A 73 8.33 -14.98 -13.92
N ALA A 74 7.46 -15.91 -14.31
CA ALA A 74 6.94 -15.96 -15.67
C ALA A 74 6.08 -14.75 -16.02
N TYR A 75 6.12 -13.72 -15.18
CA TYR A 75 5.36 -12.51 -15.42
C TYR A 75 6.17 -11.52 -16.22
N GLN A 76 7.44 -11.86 -16.43
CA GLN A 76 8.36 -11.03 -17.19
C GLN A 76 8.74 -11.70 -18.49
N LYS A 77 8.16 -11.24 -19.59
CA LYS A 77 8.44 -11.81 -20.90
C LYS A 77 8.70 -10.71 -21.93
N ASP A 78 9.73 -10.92 -22.75
CA ASP A 78 10.10 -9.95 -23.78
C ASP A 78 9.08 -9.97 -24.92
N ASP A 79 8.67 -11.17 -25.32
CA ASP A 79 7.70 -11.34 -26.38
C ASP A 79 7.01 -12.70 -26.28
N ALA A 80 6.10 -12.82 -25.32
CA ALA A 80 5.36 -14.06 -25.10
C ALA A 80 6.30 -15.20 -24.75
N VAL A 81 7.49 -14.86 -24.24
CA VAL A 81 8.48 -15.85 -23.85
C VAL A 81 8.97 -15.62 -22.43
N LYS A 82 8.75 -16.60 -21.56
CA LYS A 82 9.17 -16.51 -20.17
C LYS A 82 10.68 -16.70 -20.05
N LYS A 83 11.28 -16.06 -19.04
CA LYS A 83 12.72 -16.16 -18.81
C LYS A 83 13.11 -17.60 -18.49
N MET A 1 10.43 10.48 7.98
CA MET A 1 9.19 11.26 8.25
C MET A 1 9.02 12.37 7.21
N TYR A 2 8.17 12.11 6.22
CA TYR A 2 7.90 13.08 5.16
C TYR A 2 6.42 13.12 4.81
N ASP A 3 5.96 14.28 4.35
CA ASP A 3 4.56 14.45 3.98
C ASP A 3 4.40 14.47 2.46
N TRP A 4 3.21 14.08 2.00
CA TRP A 4 2.92 14.05 0.57
C TRP A 4 1.42 13.91 0.31
N ASN A 5 0.64 13.86 1.38
CA ASN A 5 -0.80 13.74 1.27
C ASN A 5 -1.46 15.12 1.24
N ILE A 6 -0.73 16.09 0.72
CA ILE A 6 -1.24 17.45 0.62
C ILE A 6 -2.19 17.61 -0.56
N ALA A 7 -2.24 16.58 -1.41
CA ALA A 7 -3.11 16.59 -2.58
C ALA A 7 -4.58 16.59 -2.16
N ALA A 8 -4.83 16.15 -0.94
CA ALA A 8 -6.19 16.10 -0.41
C ALA A 8 -6.77 17.49 -0.25
N LYS A 9 -7.99 17.68 -0.76
CA LYS A 9 -8.67 18.96 -0.68
C LYS A 9 -9.64 18.97 0.49
N SER A 10 -10.70 18.20 0.37
CA SER A 10 -11.71 18.09 1.43
C SER A 10 -11.20 17.21 2.56
N GLN A 11 -11.82 17.36 3.73
CA GLN A 11 -11.43 16.58 4.91
C GLN A 11 -11.77 15.11 4.75
N GLU A 12 -12.95 14.83 4.20
CA GLU A 12 -13.40 13.45 4.00
C GLU A 12 -12.47 12.71 3.05
N GLU A 13 -11.80 13.46 2.18
CA GLU A 13 -10.88 12.88 1.22
C GLU A 13 -9.55 12.53 1.87
N ARG A 14 -9.22 13.24 2.95
CA ARG A 14 -7.96 13.00 3.66
C ARG A 14 -7.98 11.67 4.39
N ASP A 15 -9.03 11.42 5.15
CA ASP A 15 -9.16 10.20 5.93
C ASP A 15 -9.11 8.94 5.06
N LYS A 16 -9.94 8.89 4.02
CA LYS A 16 -10.00 7.74 3.13
C LYS A 16 -8.65 7.46 2.47
N VAL A 17 -7.96 8.50 2.02
CA VAL A 17 -6.68 8.34 1.35
C VAL A 17 -5.54 8.11 2.34
N ASN A 18 -5.67 8.68 3.54
CA ASN A 18 -4.64 8.52 4.57
C ASN A 18 -4.58 7.07 5.02
N VAL A 19 -5.75 6.49 5.26
CA VAL A 19 -5.83 5.10 5.69
C VAL A 19 -5.50 4.16 4.54
N ASP A 20 -5.68 4.65 3.31
CA ASP A 20 -5.40 3.87 2.11
C ASP A 20 -3.90 3.83 1.86
N LEU A 21 -3.24 4.95 2.13
CA LEU A 21 -1.81 5.05 1.95
C LEU A 21 -1.13 4.04 2.86
N ALA A 22 -1.68 3.95 4.06
CA ALA A 22 -1.18 3.03 5.05
C ALA A 22 -1.05 1.65 4.47
N ALA A 23 -2.18 1.10 4.03
CA ALA A 23 -2.25 -0.22 3.41
C ALA A 23 -1.21 -0.39 2.31
N SER A 24 -0.84 0.72 1.68
CA SER A 24 0.13 0.69 0.58
C SER A 24 1.51 0.25 1.04
N GLY A 25 2.14 1.04 1.90
CA GLY A 25 3.47 0.73 2.36
C GLY A 25 3.54 -0.52 3.21
N VAL A 26 2.58 -0.64 4.13
CA VAL A 26 2.53 -1.77 5.05
C VAL A 26 2.71 -3.12 4.36
N ALA A 27 1.80 -3.46 3.45
CA ALA A 27 1.86 -4.76 2.74
C ALA A 27 2.66 -4.70 1.45
N TYR A 28 2.32 -3.74 0.60
CA TYR A 28 2.97 -3.61 -0.71
C TYR A 28 4.48 -3.53 -0.59
N LYS A 29 4.98 -2.50 0.09
CA LYS A 29 6.43 -2.29 0.22
C LYS A 29 7.20 -3.58 0.55
N GLU A 30 6.73 -4.31 1.57
CA GLU A 30 7.38 -5.58 1.96
C GLU A 30 7.84 -6.32 0.72
N ARG A 31 7.08 -6.13 -0.34
CA ARG A 31 7.37 -6.70 -1.65
C ARG A 31 7.41 -5.56 -2.67
N LEU A 32 7.90 -5.82 -3.88
CA LEU A 32 7.95 -4.79 -4.93
C LEU A 32 9.08 -3.81 -4.71
N ASN A 33 9.34 -3.54 -3.45
CA ASN A 33 10.37 -2.60 -3.06
C ASN A 33 9.85 -1.19 -3.30
N ILE A 34 9.01 -0.74 -2.38
CA ILE A 34 8.42 0.59 -2.46
C ILE A 34 9.13 1.53 -1.48
N PRO A 35 9.47 2.76 -1.90
CA PRO A 35 10.19 3.71 -1.05
C PRO A 35 9.32 4.56 -0.12
N VAL A 36 8.45 3.91 0.65
CA VAL A 36 7.60 4.65 1.59
C VAL A 36 7.74 4.10 3.00
N ILE A 37 7.54 4.97 3.99
CA ILE A 37 7.64 4.56 5.39
C ILE A 37 6.33 3.95 5.88
N ALA A 38 6.41 2.71 6.37
CA ALA A 38 5.22 2.01 6.87
C ALA A 38 4.88 2.47 8.29
N GLU A 39 5.88 2.39 9.18
CA GLU A 39 5.69 2.82 10.57
C GLU A 39 5.12 4.24 10.63
N GLN A 40 5.24 4.99 9.54
CA GLN A 40 4.71 6.34 9.48
C GLN A 40 3.20 6.30 9.49
N VAL A 41 2.66 5.23 8.92
CA VAL A 41 1.23 5.01 8.85
C VAL A 41 0.75 4.22 10.06
N ALA A 42 1.68 3.54 10.71
CA ALA A 42 1.38 2.71 11.87
C ALA A 42 1.06 3.56 13.11
N ARG A 43 1.44 4.83 13.07
CA ARG A 43 1.18 5.73 14.20
C ARG A 43 -0.18 6.40 14.09
N GLU A 44 -0.85 6.19 12.96
CA GLU A 44 -2.17 6.78 12.74
C GLU A 44 -3.24 5.72 12.50
N GLN A 45 -3.14 5.06 11.34
CA GLN A 45 -4.08 4.00 10.94
C GLN A 45 -5.48 4.30 11.47
N PRO A 46 -6.21 5.25 10.84
CA PRO A 46 -7.56 5.64 11.24
C PRO A 46 -8.47 4.45 11.54
N GLU A 47 -9.28 4.58 12.58
CA GLU A 47 -10.20 3.52 12.97
C GLU A 47 -11.47 3.56 12.14
N ASN A 48 -12.11 4.73 12.08
CA ASN A 48 -13.34 4.90 11.31
C ASN A 48 -13.06 4.89 9.80
N LEU A 49 -11.96 4.26 9.41
CA LEU A 49 -11.58 4.17 8.02
C LEU A 49 -10.63 2.99 7.84
N ARG A 50 -10.41 2.24 8.93
CA ARG A 50 -9.52 1.09 8.91
C ARG A 50 -10.02 0.06 7.93
N THR A 51 -11.34 -0.09 7.87
CA THR A 51 -11.96 -1.04 6.96
C THR A 51 -11.43 -0.84 5.54
N TYR A 52 -11.44 0.41 5.09
CA TYR A 52 -10.94 0.75 3.77
C TYR A 52 -9.50 0.29 3.61
N PHE A 53 -8.70 0.53 4.64
CA PHE A 53 -7.30 0.13 4.64
C PHE A 53 -7.18 -1.39 4.46
N MET A 54 -8.14 -2.13 5.02
CA MET A 54 -8.14 -3.59 4.89
C MET A 54 -8.50 -3.96 3.46
N GLU A 55 -9.50 -3.29 2.93
CA GLU A 55 -9.95 -3.51 1.56
C GLU A 55 -8.76 -3.32 0.63
N ARG A 56 -7.93 -2.36 0.99
CA ARG A 56 -6.74 -2.06 0.23
C ARG A 56 -5.70 -3.17 0.44
N LEU A 57 -5.61 -3.69 1.67
CA LEU A 57 -4.66 -4.76 1.97
C LEU A 57 -4.85 -5.92 1.01
N ARG A 58 -6.05 -6.50 1.03
CA ARG A 58 -6.34 -7.62 0.15
C ARG A 58 -6.02 -7.24 -1.29
N HIS A 59 -6.23 -5.96 -1.60
CA HIS A 59 -5.94 -5.48 -2.96
C HIS A 59 -4.44 -5.52 -3.25
N TYR A 60 -3.66 -4.95 -2.34
CA TYR A 60 -2.21 -4.92 -2.48
C TYR A 60 -1.67 -6.34 -2.44
N ARG A 61 -2.38 -7.21 -1.72
CA ARG A 61 -2.01 -8.61 -1.61
C ARG A 61 -2.22 -9.32 -2.94
N GLN A 62 -3.36 -9.04 -3.57
CA GLN A 62 -3.67 -9.65 -4.86
C GLN A 62 -2.47 -9.56 -5.79
N LEU A 63 -1.84 -8.39 -5.81
CA LEU A 63 -0.66 -8.19 -6.64
C LEU A 63 0.57 -8.79 -5.97
N SER A 64 0.71 -8.58 -4.65
CA SER A 64 1.86 -9.08 -3.91
C SER A 64 2.18 -10.53 -4.26
N LEU A 65 1.19 -11.22 -4.83
CA LEU A 65 1.37 -12.60 -5.26
C LEU A 65 1.72 -12.64 -6.75
N GLN A 66 0.89 -11.99 -7.57
CA GLN A 66 1.11 -11.95 -9.01
C GLN A 66 2.46 -11.31 -9.41
N LEU A 67 2.72 -10.08 -8.95
CA LEU A 67 3.95 -9.38 -9.32
C LEU A 67 5.18 -10.05 -8.71
N PRO A 68 6.38 -9.73 -9.24
CA PRO A 68 7.63 -10.30 -8.77
C PRO A 68 8.23 -9.57 -7.57
N LYS A 69 9.32 -8.84 -7.81
CA LYS A 69 9.98 -8.10 -6.76
C LYS A 69 9.90 -6.60 -6.99
N GLY A 70 9.20 -6.20 -8.04
CA GLY A 70 9.04 -4.80 -8.35
C GLY A 70 7.97 -4.54 -9.39
N SER A 71 7.69 -5.54 -10.22
CA SER A 71 6.67 -5.43 -11.26
C SER A 71 7.04 -4.35 -12.28
N ASP A 72 6.21 -4.23 -13.32
CA ASP A 72 6.43 -3.24 -14.37
C ASP A 72 5.11 -2.87 -15.04
N PRO A 73 4.92 -1.58 -15.38
CA PRO A 73 3.69 -1.10 -16.02
C PRO A 73 3.37 -1.86 -17.30
N ALA A 74 4.40 -2.15 -18.09
CA ALA A 74 4.24 -2.85 -19.35
C ALA A 74 4.17 -4.36 -19.14
N TYR A 75 3.96 -4.76 -17.89
CA TYR A 75 3.87 -6.17 -17.54
C TYR A 75 2.46 -6.52 -17.08
N GLN A 76 1.61 -5.50 -17.09
CA GLN A 76 0.22 -5.65 -16.68
C GLN A 76 -0.62 -6.27 -17.80
N LYS A 77 -1.07 -7.48 -17.56
CA LYS A 77 -1.90 -8.20 -18.54
C LYS A 77 -3.12 -8.83 -17.86
N ASP A 78 -4.20 -8.98 -18.62
CA ASP A 78 -5.42 -9.56 -18.09
C ASP A 78 -5.31 -11.08 -17.98
N ASP A 79 -4.73 -11.70 -19.01
CA ASP A 79 -4.56 -13.15 -19.02
C ASP A 79 -3.23 -13.53 -19.65
N ALA A 80 -2.94 -12.97 -20.81
CA ALA A 80 -1.71 -13.26 -21.52
C ALA A 80 -1.39 -12.17 -22.54
N VAL A 81 -2.07 -11.04 -22.43
CA VAL A 81 -1.85 -9.91 -23.34
C VAL A 81 -1.71 -8.61 -22.59
N LYS A 82 -0.58 -7.93 -22.78
CA LYS A 82 -0.32 -6.65 -22.11
C LYS A 82 -1.36 -5.61 -22.52
N LYS A 83 -2.01 -5.02 -21.53
CA LYS A 83 -3.03 -3.99 -21.78
C LYS A 83 -2.47 -2.59 -21.52
N MET A 1 11.25 15.38 2.93
CA MET A 1 9.99 15.05 2.23
C MET A 1 8.98 14.40 3.19
N TYR A 2 9.22 13.14 3.52
CA TYR A 2 8.35 12.39 4.43
C TYR A 2 6.95 12.24 3.84
N ASP A 3 6.81 12.64 2.60
CA ASP A 3 5.55 12.56 1.89
C ASP A 3 5.63 11.58 0.73
N TRP A 4 4.49 11.27 0.13
CA TRP A 4 4.43 10.34 -0.99
C TRP A 4 3.09 10.44 -1.71
N ASN A 5 2.05 10.76 -0.96
CA ASN A 5 0.72 10.89 -1.54
C ASN A 5 0.50 12.31 -2.02
N ILE A 6 0.75 13.24 -1.12
CA ILE A 6 0.62 14.66 -1.39
C ILE A 6 -0.80 14.99 -1.81
N ALA A 7 -1.65 13.98 -1.83
CA ALA A 7 -3.02 14.16 -2.21
C ALA A 7 -3.96 14.03 -1.01
N ALA A 8 -4.08 15.12 -0.25
CA ALA A 8 -4.94 15.16 0.92
C ALA A 8 -5.41 16.58 1.20
N LYS A 9 -6.53 16.97 0.59
CA LYS A 9 -7.08 18.30 0.77
C LYS A 9 -8.35 18.24 1.62
N SER A 10 -9.44 17.79 1.01
CA SER A 10 -10.71 17.66 1.70
C SER A 10 -10.63 16.55 2.75
N GLN A 11 -11.04 16.87 3.96
CA GLN A 11 -11.01 15.93 5.08
C GLN A 11 -11.52 14.54 4.68
N GLU A 12 -12.74 14.48 4.16
CA GLU A 12 -13.33 13.21 3.74
C GLU A 12 -12.36 12.42 2.87
N GLU A 13 -11.54 13.13 2.12
CA GLU A 13 -10.56 12.50 1.24
C GLU A 13 -9.31 12.10 2.01
N ARG A 14 -8.96 12.88 3.03
CA ARG A 14 -7.77 12.61 3.83
C ARG A 14 -7.92 11.31 4.60
N ASP A 15 -9.09 11.13 5.21
CA ASP A 15 -9.36 9.94 6.02
C ASP A 15 -9.27 8.64 5.20
N LYS A 16 -9.97 8.59 4.07
CA LYS A 16 -9.98 7.39 3.24
C LYS A 16 -8.66 7.12 2.53
N VAL A 17 -7.98 8.19 2.11
CA VAL A 17 -6.72 8.03 1.39
C VAL A 17 -5.57 7.68 2.33
N ASN A 18 -5.44 8.41 3.44
CA ASN A 18 -4.36 8.13 4.39
C ASN A 18 -4.42 6.68 4.83
N VAL A 19 -5.62 6.11 4.77
CA VAL A 19 -5.82 4.72 5.15
C VAL A 19 -5.51 3.82 3.95
N ASP A 20 -5.76 4.36 2.76
CA ASP A 20 -5.50 3.65 1.52
C ASP A 20 -4.00 3.45 1.36
N LEU A 21 -3.24 4.47 1.71
CA LEU A 21 -1.79 4.39 1.62
C LEU A 21 -1.25 3.60 2.80
N ALA A 22 -1.93 3.71 3.94
CA ALA A 22 -1.55 2.97 5.13
C ALA A 22 -1.35 1.50 4.81
N ALA A 23 -2.32 0.92 4.11
CA ALA A 23 -2.25 -0.49 3.72
C ALA A 23 -1.19 -0.71 2.67
N SER A 24 -1.02 0.27 1.79
CA SER A 24 -0.04 0.19 0.73
C SER A 24 1.37 0.03 1.28
N GLY A 25 1.83 1.02 2.03
CA GLY A 25 3.17 0.97 2.57
C GLY A 25 3.45 -0.32 3.33
N VAL A 26 2.50 -0.76 4.13
CA VAL A 26 2.65 -1.97 4.93
C VAL A 26 3.01 -3.19 4.07
N ALA A 27 2.13 -3.56 3.14
CA ALA A 27 2.37 -4.73 2.29
C ALA A 27 3.14 -4.40 1.01
N TYR A 28 2.62 -3.46 0.23
CA TYR A 28 3.21 -3.06 -1.05
C TYR A 28 4.73 -2.87 -0.94
N LYS A 29 5.22 -2.34 0.18
CA LYS A 29 6.65 -2.10 0.33
C LYS A 29 7.45 -3.38 0.39
N GLU A 30 7.16 -4.20 1.38
CA GLU A 30 7.89 -5.44 1.58
C GLU A 30 7.70 -6.43 0.43
N ARG A 31 7.10 -5.99 -0.67
CA ARG A 31 6.89 -6.87 -1.81
C ARG A 31 7.40 -6.26 -3.11
N LEU A 32 6.87 -5.10 -3.47
CA LEU A 32 7.23 -4.43 -4.72
C LEU A 32 8.15 -3.25 -4.45
N ASN A 33 8.00 -2.20 -5.27
CA ASN A 33 8.81 -1.01 -5.14
C ASN A 33 8.03 0.11 -4.42
N ILE A 34 7.98 0.02 -3.10
CA ILE A 34 7.30 1.03 -2.31
C ILE A 34 8.13 1.39 -1.09
N PRO A 35 9.10 2.32 -1.24
CA PRO A 35 10.00 2.73 -0.16
C PRO A 35 9.34 3.63 0.88
N VAL A 36 8.75 3.01 1.89
CA VAL A 36 8.10 3.76 2.96
C VAL A 36 8.15 2.95 4.26
N ILE A 37 7.94 3.61 5.39
CA ILE A 37 7.99 2.93 6.67
C ILE A 37 6.60 2.46 7.10
N ALA A 38 6.50 1.18 7.43
CA ALA A 38 5.23 0.57 7.82
C ALA A 38 4.64 1.21 9.07
N GLU A 39 5.47 1.51 10.06
CA GLU A 39 4.99 2.11 11.30
C GLU A 39 4.65 3.59 11.09
N GLN A 40 5.22 4.18 10.05
CA GLN A 40 4.96 5.58 9.75
C GLN A 40 3.49 5.77 9.42
N VAL A 41 2.93 4.79 8.72
CA VAL A 41 1.53 4.83 8.33
C VAL A 41 0.64 4.27 9.43
N ALA A 42 1.24 3.51 10.33
CA ALA A 42 0.52 2.89 11.43
C ALA A 42 -0.04 3.94 12.39
N ARG A 43 0.66 5.06 12.53
CA ARG A 43 0.23 6.13 13.43
C ARG A 43 -0.67 7.15 12.75
N GLU A 44 -0.75 7.09 11.42
CA GLU A 44 -1.58 8.03 10.66
C GLU A 44 -2.69 7.32 9.90
N GLN A 45 -3.04 6.14 10.35
CA GLN A 45 -4.08 5.34 9.72
C GLN A 45 -5.41 5.50 10.47
N PRO A 46 -6.24 6.46 10.04
CA PRO A 46 -7.55 6.73 10.66
C PRO A 46 -8.36 5.45 10.95
N GLU A 47 -8.57 5.19 12.22
CA GLU A 47 -9.33 4.01 12.65
C GLU A 47 -10.75 4.03 12.05
N ASN A 48 -11.28 5.24 11.87
CA ASN A 48 -12.62 5.42 11.32
C ASN A 48 -12.71 4.79 9.93
N LEU A 49 -11.57 4.64 9.27
CA LEU A 49 -11.52 4.05 7.93
C LEU A 49 -10.67 2.79 7.94
N ARG A 50 -10.45 2.25 9.13
CA ARG A 50 -9.66 1.05 9.28
C ARG A 50 -10.24 -0.07 8.42
N THR A 51 -11.51 0.07 8.08
CA THR A 51 -12.20 -0.90 7.26
C THR A 51 -11.68 -0.84 5.83
N TYR A 52 -11.55 0.38 5.30
CA TYR A 52 -11.05 0.60 3.96
C TYR A 52 -9.61 0.10 3.85
N PHE A 53 -8.78 0.52 4.80
CA PHE A 53 -7.39 0.13 4.85
C PHE A 53 -7.24 -1.38 4.63
N MET A 54 -8.11 -2.17 5.24
CA MET A 54 -8.06 -3.61 5.08
C MET A 54 -8.46 -4.02 3.67
N GLU A 55 -9.45 -3.34 3.11
CA GLU A 55 -9.91 -3.63 1.76
C GLU A 55 -8.73 -3.51 0.80
N ARG A 56 -8.03 -2.39 0.86
CA ARG A 56 -6.86 -2.19 0.03
C ARG A 56 -5.74 -3.11 0.48
N LEU A 57 -5.69 -3.38 1.77
CA LEU A 57 -4.67 -4.26 2.34
C LEU A 57 -4.72 -5.64 1.68
N ARG A 58 -5.86 -6.31 1.83
CA ARG A 58 -6.05 -7.64 1.25
C ARG A 58 -5.81 -7.63 -0.25
N HIS A 59 -6.32 -6.60 -0.91
CA HIS A 59 -6.15 -6.47 -2.35
C HIS A 59 -4.67 -6.30 -2.72
N TYR A 60 -4.02 -5.35 -2.06
CA TYR A 60 -2.60 -5.08 -2.29
C TYR A 60 -1.78 -6.36 -2.20
N ARG A 61 -2.18 -7.24 -1.29
CA ARG A 61 -1.49 -8.52 -1.10
C ARG A 61 -1.58 -9.38 -2.36
N GLN A 62 -2.77 -9.43 -2.95
CA GLN A 62 -2.98 -10.21 -4.17
C GLN A 62 -2.11 -9.66 -5.29
N LEU A 63 -1.97 -8.35 -5.33
CA LEU A 63 -1.16 -7.72 -6.36
C LEU A 63 0.29 -7.70 -5.92
N SER A 64 0.52 -7.89 -4.63
CA SER A 64 1.88 -7.91 -4.11
C SER A 64 2.62 -9.07 -4.74
N LEU A 65 1.87 -10.14 -5.04
CA LEU A 65 2.44 -11.32 -5.66
C LEU A 65 2.59 -11.13 -7.16
N GLN A 66 1.54 -10.62 -7.81
CA GLN A 66 1.56 -10.40 -9.26
C GLN A 66 2.55 -9.29 -9.65
N LEU A 67 2.49 -8.15 -8.95
CA LEU A 67 3.37 -7.02 -9.24
C LEU A 67 4.83 -7.46 -9.37
N PRO A 68 5.73 -6.54 -9.83
CA PRO A 68 7.15 -6.86 -10.03
C PRO A 68 7.87 -7.24 -8.74
N LYS A 69 9.20 -7.19 -8.78
CA LYS A 69 10.02 -7.55 -7.63
C LYS A 69 9.81 -9.01 -7.25
N GLY A 70 8.76 -9.25 -6.48
CA GLY A 70 8.45 -10.59 -6.05
C GLY A 70 8.87 -10.88 -4.62
N SER A 71 9.71 -10.00 -4.08
CA SER A 71 10.20 -10.15 -2.71
C SER A 71 10.88 -11.50 -2.53
N ASP A 72 11.19 -11.85 -1.29
CA ASP A 72 11.85 -13.12 -0.99
C ASP A 72 11.00 -14.29 -1.48
N PRO A 73 11.65 -15.43 -1.83
CA PRO A 73 10.96 -16.62 -2.33
C PRO A 73 9.73 -16.98 -1.50
N ALA A 74 9.94 -17.32 -0.24
CA ALA A 74 8.85 -17.69 0.66
C ALA A 74 8.22 -16.45 1.30
N TYR A 75 8.52 -15.29 0.74
CA TYR A 75 8.00 -14.03 1.25
C TYR A 75 8.22 -13.89 2.75
N GLN A 76 7.67 -12.82 3.33
CA GLN A 76 7.82 -12.57 4.77
C GLN A 76 6.60 -13.07 5.55
N LYS A 77 6.84 -14.04 6.43
CA LYS A 77 5.77 -14.60 7.25
C LYS A 77 5.62 -13.81 8.56
N ASP A 78 4.67 -12.88 8.58
CA ASP A 78 4.44 -12.06 9.76
C ASP A 78 3.35 -12.67 10.64
N ASP A 79 2.43 -13.41 10.01
CA ASP A 79 1.33 -14.04 10.73
C ASP A 79 1.70 -15.46 11.15
N ALA A 80 2.99 -15.79 11.04
CA ALA A 80 3.47 -17.12 11.42
C ALA A 80 2.75 -18.20 10.63
N VAL A 81 2.33 -17.87 9.40
CA VAL A 81 1.62 -18.81 8.55
C VAL A 81 2.53 -19.32 7.43
N LYS A 82 2.83 -20.61 7.47
CA LYS A 82 3.68 -21.22 6.45
C LYS A 82 3.06 -21.10 5.07
N LYS A 83 3.89 -20.84 4.07
CA LYS A 83 3.43 -20.69 2.69
C LYS A 83 2.49 -19.50 2.57
#